data_2P28
#
_entry.id   2P28
#
_cell.length_a   52.260
_cell.length_b   52.260
_cell.length_c   423.924
_cell.angle_alpha   90.00
_cell.angle_beta   90.00
_cell.angle_gamma   120.00
#
_symmetry.space_group_name_H-M   'P 65 2 2'
#
loop_
_entity.id
_entity.type
_entity.pdbx_description
1 polymer 'Integrin beta-2'
2 polymer 'Integrin beta-2'
3 non-polymer 2-acetamido-2-deoxy-beta-D-glucopyranose
4 water water
#
loop_
_entity_poly.entity_id
_entity_poly.type
_entity_poly.pdbx_seq_one_letter_code
_entity_poly.pdbx_strand_id
1 'polypeptide(L)'
;QECTKFKVSSCRECIESGPGCTWCQKLNFTGPGDPDSIRCDTRPQLLMRGCAADDIMDPTSLAETQEDHNGGQKQLSPQK
VTLYLRPGQAAAFNVTFRRA
;
A
2 'polypeptide(L)'
;KLSSRVFLDHNALPDTLKVTYDSFCSNGVTHRNQPRGDCDGVQINVPITFQVKVTATECIQEQSFVIRALGFTDIVTVQV
LPQCECRCRDQSRDRSLCHGKGFLECGICRCDTGYIGKNCECQTQGRSSQELEGSCRKDNNSIICSGLGDCVCGQCLCHT
SDVPGKLIYGQYCECDTINCERYNGQVCGGPGRGLCFCGKCRCHPGFEGSACQHHHH
;
B
#
# COMPACT_ATOMS: atom_id res chain seq x y z
N GLN A 1 14.23 6.13 -8.03
CA GLN A 1 15.04 6.66 -6.89
C GLN A 1 15.25 5.57 -5.81
N GLU A 2 14.20 5.23 -5.06
CA GLU A 2 14.26 4.20 -4.01
C GLU A 2 12.89 3.94 -3.37
N CYS A 3 12.35 2.73 -3.53
CA CYS A 3 11.04 2.39 -2.93
C CYS A 3 10.92 0.92 -2.54
N THR A 4 10.65 0.68 -1.26
CA THR A 4 10.45 -0.66 -0.71
C THR A 4 9.01 -0.83 -0.25
N LYS A 5 8.36 -1.88 -0.73
CA LYS A 5 6.96 -2.12 -0.41
C LYS A 5 6.74 -3.55 0.10
N PHE A 6 6.74 -3.71 1.41
CA PHE A 6 6.46 -5.02 2.00
C PHE A 6 4.95 -5.31 1.92
N LYS A 7 4.19 -4.72 2.84
CA LYS A 7 2.77 -5.03 3.01
C LYS A 7 1.93 -3.83 2.58
N VAL A 8 2.25 -3.29 1.41
CA VAL A 8 1.53 -2.13 0.88
C VAL A 8 0.26 -2.58 0.16
N SER A 9 -0.89 -2.14 0.69
CA SER A 9 -2.20 -2.47 0.12
C SER A 9 -3.03 -1.24 -0.28
N SER A 10 -2.57 -0.04 0.08
CA SER A 10 -3.26 1.17 -0.32
C SER A 10 -2.28 2.26 -0.76
N CYS A 11 -2.82 3.31 -1.35
CA CYS A 11 -2.01 4.42 -1.78
C CYS A 11 -1.33 5.06 -0.58
N ARG A 12 -2.07 5.23 0.52
CA ARG A 12 -1.53 5.83 1.73
C ARG A 12 -0.39 4.98 2.32
N GLU A 13 -0.59 3.68 2.41
CA GLU A 13 0.46 2.79 2.90
C GLU A 13 1.73 2.91 2.04
N CYS A 14 1.54 3.10 0.74
CA CYS A 14 2.65 3.32 -0.19
C CYS A 14 3.43 4.61 0.11
N ILE A 15 2.72 5.71 0.26
CA ILE A 15 3.36 7.00 0.51
C ILE A 15 4.09 6.99 1.86
N GLU A 16 3.55 6.22 2.81
CA GLU A 16 4.14 6.06 4.15
C GLU A 16 5.44 5.26 4.19
N SER A 17 5.64 4.39 3.20
CA SER A 17 6.80 3.51 3.18
C SER A 17 8.12 4.27 3.12
N GLY A 18 8.12 5.33 2.33
CA GLY A 18 9.31 6.12 2.13
C GLY A 18 9.15 7.16 1.04
N PRO A 19 9.99 8.20 1.10
CA PRO A 19 9.87 9.36 0.22
C PRO A 19 10.06 9.07 -1.28
N GLY A 20 10.73 7.96 -1.63
CA GLY A 20 10.91 7.58 -3.02
C GLY A 20 9.76 6.78 -3.63
N CYS A 21 8.75 6.44 -2.83
CA CYS A 21 7.58 5.70 -3.30
C CYS A 21 6.50 6.59 -3.91
N THR A 22 5.91 6.12 -5.00
CA THR A 22 4.76 6.74 -5.63
C THR A 22 3.75 5.64 -6.01
N TRP A 23 2.53 6.04 -6.37
CA TRP A 23 1.44 5.09 -6.52
C TRP A 23 0.66 5.32 -7.81
N CYS A 24 0.56 4.27 -8.62
CA CYS A 24 -0.21 4.31 -9.86
C CYS A 24 -1.69 4.10 -9.56
N GLN A 25 -2.52 5.11 -9.85
CA GLN A 25 -3.96 5.04 -9.57
C GLN A 25 -4.81 4.56 -10.78
N LYS A 26 -4.17 4.28 -11.91
CA LYS A 26 -4.88 3.85 -13.11
C LYS A 26 -5.37 2.42 -13.00
N LEU A 27 -6.68 2.22 -13.12
CA LEU A 27 -7.27 0.86 -13.08
C LEU A 27 -6.62 -0.08 -14.10
N ASN A 28 -6.36 0.45 -15.30
CA ASN A 28 -5.76 -0.32 -16.41
C ASN A 28 -4.43 -0.99 -16.04
N PHE A 29 -3.70 -0.38 -15.10
CA PHE A 29 -2.33 -0.76 -14.75
C PHE A 29 -2.11 -2.21 -14.30
N THR A 30 -3.11 -2.81 -13.66
CA THR A 30 -2.91 -4.14 -13.07
C THR A 30 -3.77 -5.22 -13.72
N GLY A 31 -3.28 -6.45 -13.67
CA GLY A 31 -4.00 -7.60 -14.16
C GLY A 31 -4.40 -8.53 -13.02
N PRO A 32 -5.21 -9.53 -13.31
CA PRO A 32 -5.73 -10.46 -12.30
C PRO A 32 -4.69 -11.03 -11.33
N GLY A 33 -3.55 -11.48 -11.85
CA GLY A 33 -2.55 -12.15 -11.04
C GLY A 33 -1.67 -11.27 -10.17
N ASP A 34 -1.51 -10.00 -10.56
CA ASP A 34 -0.59 -9.11 -9.85
C ASP A 34 -1.09 -8.70 -8.46
N PRO A 35 -0.17 -8.59 -7.50
CA PRO A 35 -0.51 -8.05 -6.18
C PRO A 35 -0.66 -6.52 -6.23
N ASP A 36 -1.34 -5.94 -5.24
CA ASP A 36 -1.59 -4.51 -5.23
C ASP A 36 -0.29 -3.72 -5.11
N SER A 37 0.73 -4.32 -4.50
CA SER A 37 2.00 -3.65 -4.27
C SER A 37 2.76 -3.26 -5.55
N ILE A 38 2.36 -3.78 -6.71
CA ILE A 38 3.03 -3.43 -7.96
C ILE A 38 2.75 -1.97 -8.39
N ARG A 39 1.66 -1.42 -7.87
CA ARG A 39 1.31 -0.02 -8.07
C ARG A 39 2.23 0.92 -7.29
N CYS A 40 2.93 0.38 -6.30
CA CYS A 40 3.83 1.15 -5.45
C CYS A 40 5.28 0.98 -5.86
N ASP A 41 5.83 1.99 -6.53
CA ASP A 41 7.23 1.99 -6.95
C ASP A 41 7.76 3.40 -7.17
N THR A 42 9.06 3.50 -7.45
CA THR A 42 9.68 4.76 -7.82
C THR A 42 9.00 5.29 -9.08
N ARG A 43 9.11 6.59 -9.32
CA ARG A 43 8.52 7.24 -10.49
C ARG A 43 8.97 6.63 -11.82
N PRO A 44 10.28 6.41 -12.01
CA PRO A 44 10.78 5.84 -13.26
C PRO A 44 10.29 4.42 -13.51
N GLN A 45 10.20 3.59 -12.47
CA GLN A 45 9.75 2.21 -12.62
C GLN A 45 8.34 2.20 -13.16
N LEU A 46 7.44 2.93 -12.51
CA LEU A 46 6.04 3.00 -12.91
C LEU A 46 5.85 3.57 -14.32
N LEU A 47 6.70 4.53 -14.68
CA LEU A 47 6.57 5.28 -15.94
C LEU A 47 6.90 4.39 -17.16
N MET A 48 7.98 3.63 -17.06
CA MET A 48 8.40 2.72 -18.14
C MET A 48 7.68 1.38 -18.04
N ARG A 49 6.79 1.25 -17.04
CA ARG A 49 5.90 0.11 -16.94
C ARG A 49 4.51 0.43 -17.49
N GLY A 50 4.32 1.67 -17.96
CA GLY A 50 3.08 2.06 -18.61
C GLY A 50 2.12 2.93 -17.82
N CYS A 51 2.49 3.32 -16.60
CA CYS A 51 1.68 4.28 -15.85
C CYS A 51 1.89 5.66 -16.44
N ALA A 52 0.78 6.37 -16.66
CA ALA A 52 0.82 7.74 -17.15
C ALA A 52 1.23 8.68 -16.03
N ALA A 53 1.79 9.84 -16.38
CA ALA A 53 2.23 10.81 -15.39
C ALA A 53 1.08 11.35 -14.55
N ASP A 54 -0.06 11.59 -15.19
CA ASP A 54 -1.22 12.20 -14.52
C ASP A 54 -2.01 11.25 -13.63
N ASP A 55 -1.59 9.99 -13.57
CA ASP A 55 -2.18 9.00 -12.66
C ASP A 55 -1.22 8.55 -11.55
N ILE A 56 0.02 9.06 -11.53
CA ILE A 56 0.98 8.75 -10.46
C ILE A 56 0.80 9.69 -9.28
N MET A 57 0.33 9.15 -8.16
CA MET A 57 0.21 9.90 -6.91
C MET A 57 1.55 9.97 -6.20
N ASP A 58 1.95 11.18 -5.84
CA ASP A 58 3.26 11.42 -5.25
C ASP A 58 3.21 12.75 -4.47
N PRO A 59 2.57 12.73 -3.31
CA PRO A 59 2.44 13.93 -2.48
C PRO A 59 3.78 14.27 -1.84
N THR A 60 4.14 15.55 -1.82
CA THR A 60 5.45 16.05 -1.40
C THR A 60 5.30 16.96 -0.17
N SER A 61 6.31 16.95 0.69
CA SER A 61 6.41 17.90 1.78
C SER A 61 6.51 19.32 1.23
N LEU A 62 5.89 20.28 1.90
CA LEU A 62 6.13 21.69 1.56
C LEU A 62 5.91 22.64 2.73
N ALA A 63 6.49 23.83 2.59
CA ALA A 63 6.33 24.88 3.57
C ALA A 63 5.38 25.93 3.00
N GLU A 64 4.53 26.44 3.86
CA GLU A 64 3.49 27.38 3.50
C GLU A 64 3.54 28.54 4.49
N THR A 65 3.93 29.72 4.02
CA THR A 65 3.93 30.90 4.88
C THR A 65 2.50 31.40 5.07
N GLN A 66 2.03 31.40 6.32
CA GLN A 66 0.63 31.72 6.63
C GLN A 66 0.47 33.20 6.95
N GLU A 67 1.18 33.66 7.98
CA GLU A 67 1.16 35.06 8.41
C GLU A 67 2.59 35.58 8.52
N ASP A 68 2.82 36.80 8.01
CA ASP A 68 4.16 37.36 7.89
C ASP A 68 4.11 38.89 8.04
N GLN A 73 5.84 40.28 14.35
CA GLN A 73 6.15 41.68 14.12
C GLN A 73 7.62 41.86 13.79
N LYS A 74 8.42 42.19 14.79
CA LYS A 74 9.68 42.91 14.54
C LYS A 74 10.85 42.00 14.15
N GLN A 75 11.43 41.31 15.14
CA GLN A 75 12.74 40.65 14.94
C GLN A 75 12.69 39.32 14.19
N LEU A 76 11.80 38.41 14.58
CA LEU A 76 11.69 37.11 13.91
C LEU A 76 10.55 37.11 12.89
N SER A 77 10.88 36.73 11.65
CA SER A 77 9.90 36.62 10.58
C SER A 77 10.13 35.28 9.83
N PRO A 78 9.09 34.56 9.42
CA PRO A 78 7.69 34.90 9.64
C PRO A 78 7.21 34.53 11.05
N GLN A 79 6.02 34.99 11.42
CA GLN A 79 5.48 34.69 12.74
C GLN A 79 4.78 33.33 12.73
N LYS A 80 4.19 32.97 11.60
CA LYS A 80 3.52 31.69 11.43
C LYS A 80 3.95 30.97 10.15
N VAL A 81 4.10 29.66 10.26
CA VAL A 81 4.39 28.79 9.13
C VAL A 81 3.55 27.52 9.27
N THR A 82 3.14 26.95 8.14
CA THR A 82 2.49 25.65 8.12
C THR A 82 3.32 24.66 7.27
N LEU A 83 3.63 23.51 7.83
CA LEU A 83 4.43 22.51 7.12
C LEU A 83 3.60 21.26 6.91
N TYR A 84 3.63 20.74 5.68
CA TYR A 84 3.04 19.47 5.35
C TYR A 84 4.20 18.49 5.21
N LEU A 85 4.21 17.44 6.02
CA LEU A 85 5.37 16.58 6.16
C LEU A 85 5.07 15.19 5.66
N ARG A 86 5.57 14.86 4.49
CA ARG A 86 5.60 13.48 4.06
C ARG A 86 6.76 12.83 4.79
N PRO A 87 6.52 11.68 5.42
CA PRO A 87 7.55 10.95 6.15
C PRO A 87 8.86 10.73 5.38
N GLY A 88 9.98 11.13 5.98
CA GLY A 88 11.29 10.96 5.38
C GLY A 88 11.70 12.08 4.43
N GLN A 89 10.81 13.05 4.23
CA GLN A 89 11.05 14.15 3.31
C GLN A 89 10.99 15.46 4.07
N ALA A 90 12.13 16.11 4.18
CA ALA A 90 12.25 17.36 4.91
C ALA A 90 11.43 18.47 4.24
N ALA A 91 10.74 19.25 5.04
CA ALA A 91 10.20 20.55 4.62
C ALA A 91 11.16 21.60 5.16
N ALA A 92 11.47 22.60 4.35
CA ALA A 92 12.40 23.65 4.73
C ALA A 92 11.73 25.02 4.61
N PHE A 93 12.04 25.92 5.53
CA PHE A 93 11.63 27.32 5.42
C PHE A 93 12.64 28.21 6.11
N ASN A 94 12.63 29.48 5.74
CA ASN A 94 13.58 30.45 6.28
C ASN A 94 12.99 31.37 7.32
N VAL A 95 13.77 31.61 8.35
CA VAL A 95 13.46 32.58 9.38
C VAL A 95 14.50 33.71 9.29
N THR A 96 14.02 34.94 9.19
CA THR A 96 14.87 36.14 9.19
C THR A 96 14.87 36.81 10.55
N PHE A 97 16.06 36.98 11.13
CA PHE A 97 16.23 37.75 12.36
C PHE A 97 16.66 39.16 12.01
N ARG A 98 16.23 40.11 12.85
CA ARG A 98 16.43 41.54 12.63
C ARG A 98 16.36 42.28 13.97
N ARG A 99 17.08 43.38 14.09
CA ARG A 99 17.01 44.21 15.31
C ARG A 99 17.54 45.62 15.05
N ALA A 100 17.52 46.45 16.09
CA ALA A 100 18.01 47.83 16.01
C ALA A 100 18.79 48.18 17.27
N LYS B 1 19.37 47.27 20.27
CA LYS B 1 20.78 47.09 20.60
C LYS B 1 21.46 46.07 19.67
N LEU B 2 22.76 46.28 19.43
CA LEU B 2 23.59 45.32 18.72
C LEU B 2 23.50 43.96 19.41
N SER B 3 23.08 42.94 18.67
CA SER B 3 22.76 41.63 19.26
C SER B 3 23.90 40.64 19.03
N SER B 4 24.80 40.51 20.00
CA SER B 4 25.99 39.67 19.86
C SER B 4 25.77 38.14 19.94
N ARG B 5 24.52 37.70 20.12
CA ARG B 5 24.24 36.25 20.11
C ARG B 5 22.77 35.98 19.78
N VAL B 6 22.56 35.32 18.65
CA VAL B 6 21.22 34.93 18.22
C VAL B 6 21.19 33.40 18.11
N PHE B 7 20.73 32.76 19.19
CA PHE B 7 20.52 31.32 19.20
C PHE B 7 19.08 31.04 18.84
N LEU B 8 18.87 30.28 17.77
CA LEU B 8 17.54 29.81 17.37
C LEU B 8 17.33 28.37 17.89
N ASP B 9 16.33 28.18 18.72
CA ASP B 9 16.01 26.87 19.27
C ASP B 9 14.51 26.61 19.15
N HIS B 10 14.08 25.39 19.43
CA HIS B 10 12.66 25.08 19.47
C HIS B 10 12.32 24.54 20.86
N ASN B 11 11.03 24.46 21.13
CA ASN B 11 10.56 23.80 22.35
C ASN B 11 10.45 22.28 22.12
N ALA B 12 10.17 21.52 23.17
CA ALA B 12 10.28 20.05 23.14
C ALA B 12 9.44 19.36 22.08
N LEU B 13 10.07 18.52 21.25
CA LEU B 13 9.38 17.83 20.16
C LEU B 13 9.23 16.34 20.42
N PRO B 14 8.22 15.72 19.82
CA PRO B 14 8.12 14.27 19.89
C PRO B 14 9.29 13.56 19.16
N ASP B 15 9.48 12.28 19.46
CA ASP B 15 10.44 11.36 18.81
C ASP B 15 10.35 11.39 17.29
N THR B 16 9.14 11.62 16.81
CA THR B 16 8.82 11.55 15.40
C THR B 16 9.25 12.78 14.58
N LEU B 17 9.62 13.88 15.24
CA LEU B 17 10.00 15.11 14.55
C LEU B 17 11.45 15.48 14.85
N LYS B 18 12.16 15.91 13.81
CA LYS B 18 13.53 16.33 13.90
C LYS B 18 13.66 17.65 13.17
N VAL B 19 14.45 18.54 13.73
CA VAL B 19 14.70 19.83 13.14
C VAL B 19 16.18 20.13 13.22
N THR B 20 16.70 20.63 12.10
CA THR B 20 18.06 21.10 11.97
C THR B 20 18.04 22.50 11.34
N TYR B 21 19.19 23.16 11.43
CA TYR B 21 19.31 24.57 11.11
C TYR B 21 20.59 24.80 10.34
N ASP B 22 20.50 25.57 9.26
CA ASP B 22 21.66 26.21 8.66
C ASP B 22 21.62 27.65 9.12
N SER B 23 22.75 28.21 9.53
CA SER B 23 22.80 29.63 9.87
C SER B 23 23.67 30.37 8.86
N PHE B 24 23.05 31.33 8.17
CA PHE B 24 23.75 32.19 7.24
C PHE B 24 23.92 33.51 7.95
N CYS B 25 25.07 33.66 8.59
CA CYS B 25 25.38 34.79 9.45
C CYS B 25 26.08 35.88 8.65
N SER B 26 26.11 37.08 9.21
CA SER B 26 26.70 38.24 8.52
C SER B 26 28.23 38.29 8.50
N ASN B 27 28.91 37.28 9.03
CA ASN B 27 30.37 37.37 9.17
C ASN B 27 31.15 36.74 7.99
N GLY B 28 30.45 36.45 6.90
CA GLY B 28 30.93 35.47 5.95
C GLY B 28 30.91 34.09 6.59
N VAL B 29 30.17 33.93 7.68
CA VAL B 29 30.15 32.70 8.46
C VAL B 29 28.84 31.94 8.22
N THR B 30 28.96 30.69 7.79
CA THR B 30 27.80 29.81 7.66
C THR B 30 28.03 28.50 8.42
N HIS B 31 26.98 28.04 9.10
CA HIS B 31 26.93 26.71 9.72
C HIS B 31 25.80 25.93 9.09
N ARG B 32 25.98 24.61 8.97
CA ARG B 32 25.01 23.73 8.32
C ARG B 32 24.55 22.60 9.20
N ASN B 33 23.27 22.25 9.09
CA ASN B 33 22.71 21.04 9.69
C ASN B 33 23.06 20.84 11.18
N GLN B 34 22.82 21.85 12.00
CA GLN B 34 23.08 21.82 13.43
C GLN B 34 21.74 21.77 14.18
N PRO B 35 21.75 21.33 15.44
CA PRO B 35 20.50 21.22 16.20
C PRO B 35 19.91 22.56 16.63
N ARG B 36 20.70 23.63 16.60
CA ARG B 36 20.17 24.98 16.75
C ARG B 36 20.83 25.97 15.79
N GLY B 37 20.14 27.10 15.55
CA GLY B 37 20.72 28.24 14.86
C GLY B 37 21.63 29.02 15.79
N ASP B 38 22.73 29.51 15.25
CA ASP B 38 23.76 30.19 16.02
C ASP B 38 24.52 31.19 15.15
N CYS B 39 24.33 32.48 15.45
CA CYS B 39 25.07 33.57 14.82
C CYS B 39 25.59 34.55 15.89
N ASP B 40 26.88 34.86 15.80
CA ASP B 40 27.55 35.80 16.70
C ASP B 40 27.72 37.17 16.04
N GLY B 41 27.15 38.20 16.65
CA GLY B 41 27.37 39.57 16.22
C GLY B 41 26.53 39.99 15.02
N VAL B 42 25.29 40.40 15.29
CA VAL B 42 24.40 40.96 14.27
C VAL B 42 24.40 42.48 14.42
N GLN B 43 24.60 43.19 13.30
CA GLN B 43 24.69 44.65 13.31
C GLN B 43 23.30 45.26 13.23
N ILE B 44 23.25 46.58 13.32
CA ILE B 44 21.99 47.35 13.39
C ILE B 44 21.23 47.23 12.08
N ASN B 45 20.06 46.62 12.16
CA ASN B 45 19.20 46.41 11.01
C ASN B 45 19.83 45.59 9.88
N VAL B 46 20.88 44.81 10.20
CA VAL B 46 21.48 43.88 9.26
C VAL B 46 20.89 42.48 9.49
N PRO B 47 20.10 41.97 8.55
CA PRO B 47 19.39 40.71 8.75
C PRO B 47 20.26 39.47 8.58
N ILE B 48 20.01 38.44 9.38
CA ILE B 48 20.60 37.11 9.16
C ILE B 48 19.48 36.10 8.90
N THR B 49 19.83 35.02 8.18
CA THR B 49 18.85 34.02 7.74
C THR B 49 19.20 32.61 8.29
N PHE B 50 18.21 31.95 8.86
CA PHE B 50 18.31 30.56 9.30
C PHE B 50 17.41 29.76 8.39
N GLN B 51 17.92 28.66 7.84
CA GLN B 51 17.07 27.70 7.15
C GLN B 51 16.77 26.57 8.13
N VAL B 52 15.48 26.36 8.37
CA VAL B 52 14.99 25.31 9.24
C VAL B 52 14.46 24.18 8.38
N LYS B 53 14.94 22.96 8.61
CA LYS B 53 14.44 21.77 7.95
C LYS B 53 13.79 20.87 9.00
N VAL B 54 12.56 20.43 8.71
CA VAL B 54 11.74 19.64 9.59
C VAL B 54 11.35 18.34 8.88
N THR B 55 11.65 17.22 9.53
CA THR B 55 11.35 15.89 9.00
C THR B 55 10.57 15.07 10.00
N ALA B 56 9.52 14.39 9.53
CA ALA B 56 8.76 13.44 10.31
C ALA B 56 9.19 12.04 9.88
N THR B 57 9.27 11.09 10.81
CA THR B 57 9.57 9.68 10.46
C THR B 57 8.32 8.84 10.31
N GLU B 58 7.17 9.45 10.54
CA GLU B 58 5.89 8.83 10.32
C GLU B 58 4.80 9.88 10.15
N CYS B 59 3.57 9.41 9.91
CA CYS B 59 2.43 10.29 9.75
C CYS B 59 2.03 10.81 11.11
N ILE B 60 2.23 12.11 11.33
CA ILE B 60 1.80 12.69 12.60
C ILE B 60 0.43 13.31 12.48
N GLN B 61 -0.09 13.81 13.60
CA GLN B 61 -1.39 14.46 13.61
C GLN B 61 -1.13 15.95 13.75
N GLU B 62 -2.14 16.75 13.42
CA GLU B 62 -2.08 18.20 13.61
C GLU B 62 -1.46 18.52 14.96
N GLN B 63 -0.40 19.31 14.95
CA GLN B 63 0.21 19.80 16.18
C GLN B 63 1.11 20.98 15.87
N SER B 64 1.58 21.64 16.92
CA SER B 64 2.39 22.83 16.73
C SER B 64 3.61 22.78 17.63
N PHE B 65 4.67 23.43 17.17
CA PHE B 65 5.80 23.72 18.04
C PHE B 65 6.22 25.17 17.76
N VAL B 66 7.09 25.71 18.59
CA VAL B 66 7.52 27.10 18.43
C VAL B 66 9.03 27.17 18.27
N ILE B 67 9.49 28.10 17.44
CA ILE B 67 10.89 28.42 17.35
C ILE B 67 11.04 29.83 17.89
N ARG B 68 12.06 30.04 18.72
CA ARG B 68 12.36 31.36 19.25
C ARG B 68 13.86 31.60 19.26
N ALA B 69 14.23 32.88 19.25
CA ALA B 69 15.59 33.30 19.55
C ALA B 69 15.60 33.55 21.05
N LEU B 70 16.64 33.10 21.74
CA LEU B 70 16.72 33.23 23.19
C LEU B 70 16.91 34.70 23.56
N GLY B 71 16.10 35.18 24.50
CA GLY B 71 16.22 36.54 25.01
C GLY B 71 15.40 37.59 24.28
N PHE B 72 14.66 37.17 23.25
CA PHE B 72 13.77 38.08 22.52
C PHE B 72 12.34 37.52 22.52
N THR B 73 11.36 38.42 22.53
CA THR B 73 9.97 38.02 22.77
C THR B 73 9.27 37.44 21.53
N ASP B 74 9.78 37.75 20.35
CA ASP B 74 9.16 37.26 19.11
C ASP B 74 9.25 35.75 18.98
N ILE B 75 8.33 35.20 18.21
CA ILE B 75 8.18 33.75 18.11
C ILE B 75 7.68 33.34 16.71
N VAL B 76 8.21 32.24 16.18
CA VAL B 76 7.69 31.60 14.97
C VAL B 76 6.89 30.38 15.39
N THR B 77 5.59 30.37 15.11
CA THR B 77 4.72 29.26 15.43
C THR B 77 4.61 28.37 14.20
N VAL B 78 5.10 27.14 14.32
CA VAL B 78 5.15 26.21 13.20
C VAL B 78 4.06 25.18 13.34
N GLN B 79 2.98 25.34 12.58
CA GLN B 79 1.93 24.32 12.50
C GLN B 79 2.42 23.19 11.58
N VAL B 80 2.28 21.95 12.06
CA VAL B 80 2.72 20.77 11.32
C VAL B 80 1.51 19.89 10.96
N LEU B 81 1.43 19.47 9.70
CA LEU B 81 0.34 18.59 9.25
C LEU B 81 0.91 17.43 8.44
N PRO B 82 0.23 16.29 8.45
CA PRO B 82 0.69 15.14 7.65
C PRO B 82 0.50 15.31 6.15
N GLN B 83 1.41 14.71 5.40
CA GLN B 83 1.32 14.61 3.95
C GLN B 83 1.48 13.14 3.60
N CYS B 84 0.47 12.36 3.98
CA CYS B 84 0.43 10.92 3.75
C CYS B 84 -0.73 10.48 2.86
N GLU B 85 -1.83 11.22 2.89
CA GLU B 85 -3.03 10.83 2.16
C GLU B 85 -2.86 11.16 0.70
N CYS B 86 -3.45 10.31 -0.14
CA CYS B 86 -3.45 10.54 -1.56
C CYS B 86 -4.71 11.33 -1.94
N ARG B 87 -4.66 11.98 -3.09
CA ARG B 87 -5.79 12.80 -3.58
C ARG B 87 -6.33 12.16 -4.86
N CYS B 88 -7.26 11.24 -4.70
CA CYS B 88 -7.72 10.44 -5.83
C CYS B 88 -9.18 10.65 -6.18
N ARG B 89 -9.45 10.73 -7.49
CA ARG B 89 -10.80 10.64 -8.02
C ARG B 89 -11.30 9.18 -7.91
N ASP B 90 -12.34 8.96 -7.10
CA ASP B 90 -12.94 7.63 -6.97
C ASP B 90 -14.46 7.63 -7.09
N GLN B 91 -15.01 6.46 -7.35
CA GLN B 91 -16.44 6.29 -7.62
C GLN B 91 -17.13 5.53 -6.49
N SER B 92 -18.37 5.89 -6.19
CA SER B 92 -19.01 5.51 -4.95
C SER B 92 -19.54 4.08 -4.89
N ARG B 93 -19.92 3.49 -6.01
CA ARG B 93 -21.18 2.76 -6.06
C ARG B 93 -21.04 1.25 -6.28
N SER B 96 -21.04 -3.46 -8.92
CA SER B 96 -19.69 -4.03 -8.78
C SER B 96 -18.85 -3.32 -7.73
N LEU B 97 -17.62 -3.08 -8.11
CA LEU B 97 -16.73 -4.15 -8.50
C LEU B 97 -15.81 -4.32 -7.33
N CYS B 98 -16.33 -4.00 -6.15
CA CYS B 98 -15.87 -4.57 -4.88
C CYS B 98 -16.96 -5.44 -4.25
N HIS B 99 -17.88 -5.95 -5.08
CA HIS B 99 -18.96 -6.87 -4.64
C HIS B 99 -19.80 -6.35 -3.46
N GLY B 100 -19.92 -5.03 -3.33
CA GLY B 100 -20.65 -4.43 -2.22
C GLY B 100 -19.95 -4.47 -0.87
N LYS B 101 -18.83 -5.20 -0.78
CA LYS B 101 -18.10 -5.36 0.47
C LYS B 101 -16.85 -4.47 0.50
N GLY B 102 -16.99 -3.27 -0.08
CA GLY B 102 -15.88 -2.36 -0.18
C GLY B 102 -16.14 -1.22 -1.16
N PHE B 103 -15.23 -0.25 -1.12
CA PHE B 103 -15.27 0.88 -2.03
C PHE B 103 -13.90 1.01 -2.71
N LEU B 104 -13.90 1.61 -3.91
CA LEU B 104 -12.64 1.88 -4.59
C LEU B 104 -11.96 3.12 -4.03
N GLU B 105 -10.66 3.20 -4.24
CA GLU B 105 -9.81 4.27 -3.72
C GLU B 105 -8.44 4.15 -4.40
N CYS B 106 -8.14 5.11 -5.27
CA CYS B 106 -6.87 5.15 -6.00
C CYS B 106 -6.61 3.89 -6.84
N GLY B 107 -7.66 3.36 -7.47
CA GLY B 107 -7.54 2.25 -8.40
C GLY B 107 -7.51 0.86 -7.79
N ILE B 108 -7.93 0.72 -6.54
CA ILE B 108 -8.05 -0.59 -5.87
C ILE B 108 -9.17 -0.60 -4.84
N CYS B 109 -9.68 -1.78 -4.53
CA CYS B 109 -10.77 -1.93 -3.57
C CYS B 109 -10.29 -1.94 -2.12
N ARG B 110 -11.04 -1.25 -1.26
CA ARG B 110 -10.79 -1.19 0.18
C ARG B 110 -11.91 -1.96 0.87
N CYS B 111 -11.57 -3.06 1.51
CA CYS B 111 -12.60 -4.01 1.95
C CYS B 111 -13.07 -3.83 3.39
N ASP B 112 -14.34 -4.16 3.60
CA ASP B 112 -15.00 -4.03 4.89
C ASP B 112 -14.58 -5.17 5.84
N THR B 113 -14.91 -5.02 7.12
CA THR B 113 -14.39 -5.88 8.17
C THR B 113 -14.87 -7.32 8.00
N GLY B 114 -13.92 -8.20 7.70
CA GLY B 114 -14.21 -9.60 7.41
C GLY B 114 -14.32 -9.87 5.92
N TYR B 115 -13.60 -9.10 5.10
CA TYR B 115 -13.56 -9.32 3.65
C TYR B 115 -12.19 -8.98 3.04
N ILE B 116 -11.70 -9.87 2.17
CA ILE B 116 -10.40 -9.75 1.53
C ILE B 116 -10.45 -10.14 0.04
N GLY B 117 -9.32 -9.99 -0.65
CA GLY B 117 -9.23 -10.25 -2.07
C GLY B 117 -9.30 -8.95 -2.84
N LYS B 118 -8.82 -8.95 -4.07
CA LYS B 118 -8.73 -7.73 -4.89
C LYS B 118 -10.07 -7.01 -5.06
N ASN B 119 -11.14 -7.77 -5.30
CA ASN B 119 -12.49 -7.22 -5.48
C ASN B 119 -13.43 -7.43 -4.27
N CYS B 120 -12.85 -7.71 -3.10
CA CYS B 120 -13.62 -8.04 -1.89
C CYS B 120 -14.63 -9.17 -2.16
N GLU B 121 -14.12 -10.27 -2.71
CA GLU B 121 -14.95 -11.42 -3.11
C GLU B 121 -14.90 -12.58 -2.10
N CYS B 122 -14.03 -12.46 -1.10
CA CYS B 122 -13.83 -13.51 -0.09
C CYS B 122 -14.11 -12.94 1.27
N GLN B 123 -14.58 -13.78 2.18
CA GLN B 123 -14.72 -13.39 3.58
C GLN B 123 -13.66 -14.10 4.41
N THR B 124 -13.33 -13.51 5.57
CA THR B 124 -12.23 -13.98 6.40
C THR B 124 -12.63 -15.19 7.23
N GLN B 125 -11.68 -16.12 7.40
CA GLN B 125 -11.86 -17.31 8.22
C GLN B 125 -11.04 -17.12 9.52
N GLY B 126 -10.61 -18.21 10.14
CA GLY B 126 -9.75 -18.14 11.31
C GLY B 126 -8.37 -17.62 10.96
N ARG B 127 -7.73 -18.27 10.00
CA ARG B 127 -6.41 -17.85 9.51
C ARG B 127 -6.55 -16.66 8.56
N SER B 129 -7.14 -18.07 4.89
CA SER B 129 -8.04 -18.24 3.71
C SER B 129 -7.23 -18.26 2.41
N GLN B 130 -6.46 -17.21 2.17
CA GLN B 130 -5.55 -17.12 1.03
C GLN B 130 -4.27 -17.94 1.24
N GLU B 131 -4.06 -18.44 2.45
CA GLU B 131 -2.94 -19.33 2.76
C GLU B 131 -3.16 -20.72 2.15
N LEU B 132 -4.40 -21.07 1.89
CA LEU B 132 -4.73 -22.36 1.33
C LEU B 132 -4.59 -22.48 -0.19
N GLU B 133 -4.01 -21.45 -0.80
CA GLU B 133 -3.90 -21.36 -2.27
C GLU B 133 -2.82 -22.31 -2.79
N GLY B 134 -1.94 -22.76 -1.89
CA GLY B 134 -1.10 -23.92 -2.15
C GLY B 134 -2.00 -25.15 -2.15
N SER B 135 -3.12 -25.06 -1.41
CA SER B 135 -4.22 -26.03 -1.48
C SER B 135 -5.23 -25.73 -2.61
N CYS B 136 -4.76 -25.07 -3.68
CA CYS B 136 -5.41 -25.14 -5.00
C CYS B 136 -4.50 -25.93 -5.98
N ARG B 137 -3.31 -26.33 -5.53
CA ARG B 137 -2.38 -27.16 -6.29
C ARG B 137 -2.25 -28.53 -5.63
N LYS B 138 -2.53 -29.58 -6.38
CA LYS B 138 -2.43 -30.96 -5.85
C LYS B 138 -1.08 -31.27 -5.20
N ASP B 139 0.01 -30.74 -5.76
CA ASP B 139 1.30 -30.70 -5.05
C ASP B 139 2.14 -29.49 -5.51
N ASN B 140 3.08 -29.06 -4.67
CA ASN B 140 3.89 -27.87 -4.96
C ASN B 140 4.14 -27.58 -6.46
N ASN B 141 4.50 -28.59 -7.23
CA ASN B 141 4.82 -28.39 -8.64
C ASN B 141 3.75 -28.93 -9.60
N SER B 142 2.48 -28.63 -9.30
CA SER B 142 1.37 -28.96 -10.18
C SER B 142 0.63 -27.68 -10.54
N ILE B 143 -0.07 -27.69 -11.68
CA ILE B 143 -0.87 -26.55 -12.09
C ILE B 143 -2.14 -26.40 -11.22
N ILE B 144 -2.86 -25.30 -11.43
CA ILE B 144 -4.01 -24.94 -10.61
C ILE B 144 -5.24 -25.75 -10.97
N CYS B 145 -5.78 -26.42 -9.96
CA CYS B 145 -7.02 -27.17 -10.06
C CYS B 145 -7.04 -28.13 -11.26
N SER B 146 -5.91 -28.80 -11.48
CA SER B 146 -5.73 -29.75 -12.59
C SER B 146 -6.00 -29.18 -14.00
N GLY B 147 -5.89 -27.86 -14.15
CA GLY B 147 -6.26 -27.18 -15.37
C GLY B 147 -7.75 -27.20 -15.69
N LEU B 148 -8.56 -27.59 -14.71
CA LEU B 148 -9.99 -27.81 -14.92
C LEU B 148 -10.84 -27.08 -13.87
N GLY B 149 -10.27 -26.05 -13.26
CA GLY B 149 -10.90 -25.27 -12.21
C GLY B 149 -10.15 -23.97 -11.94
N ASP B 150 -10.76 -23.09 -11.16
CA ASP B 150 -10.14 -21.82 -10.76
C ASP B 150 -9.99 -21.77 -9.26
N CYS B 151 -8.90 -21.17 -8.79
CA CYS B 151 -8.72 -20.93 -7.38
C CYS B 151 -9.59 -19.77 -6.94
N VAL B 152 -10.67 -20.07 -6.23
CA VAL B 152 -11.51 -19.03 -5.62
C VAL B 152 -11.37 -19.13 -4.10
N CYS B 153 -10.76 -18.11 -3.52
CA CYS B 153 -10.55 -17.98 -2.07
C CYS B 153 -9.74 -19.14 -1.48
N GLY B 154 -8.66 -19.49 -2.18
CA GLY B 154 -7.82 -20.61 -1.77
C GLY B 154 -8.48 -21.96 -1.87
N GLN B 155 -9.49 -22.08 -2.73
CA GLN B 155 -10.21 -23.35 -2.93
C GLN B 155 -10.65 -23.50 -4.38
N CYS B 156 -10.52 -24.70 -4.93
CA CYS B 156 -10.86 -24.94 -6.32
C CYS B 156 -12.36 -24.98 -6.54
N LEU B 157 -12.81 -24.17 -7.51
CA LEU B 157 -14.16 -24.20 -8.06
C LEU B 157 -14.05 -24.78 -9.44
N CYS B 158 -14.59 -25.98 -9.61
CA CYS B 158 -14.38 -26.73 -10.85
C CYS B 158 -15.20 -26.21 -12.01
N HIS B 159 -14.68 -26.39 -13.21
CA HIS B 159 -15.36 -25.94 -14.41
C HIS B 159 -16.62 -26.73 -14.59
N THR B 160 -17.66 -26.07 -15.06
CA THR B 160 -18.89 -26.73 -15.47
C THR B 160 -18.59 -27.57 -16.72
N SER B 161 -19.47 -28.52 -16.98
CA SER B 161 -19.42 -29.31 -18.21
C SER B 161 -20.81 -29.37 -18.85
N ASP B 162 -20.83 -29.49 -20.17
CA ASP B 162 -22.06 -29.69 -20.93
C ASP B 162 -22.36 -31.18 -21.16
N VAL B 163 -21.34 -32.02 -21.04
CA VAL B 163 -21.48 -33.45 -21.31
C VAL B 163 -22.44 -34.12 -20.31
N PRO B 164 -23.51 -34.75 -20.79
CA PRO B 164 -24.49 -35.43 -19.93
C PRO B 164 -23.90 -36.47 -18.96
N GLY B 165 -24.20 -36.28 -17.68
CA GLY B 165 -23.75 -37.18 -16.63
C GLY B 165 -22.36 -36.88 -16.10
N LYS B 166 -21.69 -35.86 -16.64
CA LYS B 166 -20.33 -35.55 -16.25
C LYS B 166 -20.27 -34.39 -15.25
N LEU B 167 -19.55 -34.61 -14.16
CA LEU B 167 -19.25 -33.58 -13.17
C LEU B 167 -17.75 -33.60 -12.89
N ILE B 168 -17.11 -32.43 -12.96
CA ILE B 168 -15.73 -32.27 -12.50
C ILE B 168 -15.76 -31.95 -11.00
N TYR B 169 -15.11 -32.78 -10.19
CA TYR B 169 -15.06 -32.58 -8.73
C TYR B 169 -13.71 -32.97 -8.13
N GLY B 170 -13.60 -32.81 -6.81
CA GLY B 170 -12.39 -33.07 -6.05
C GLY B 170 -11.78 -31.78 -5.55
N GLN B 171 -10.93 -31.88 -4.54
CA GLN B 171 -10.20 -30.73 -4.01
C GLN B 171 -9.42 -29.98 -5.09
N TYR B 172 -8.90 -30.72 -6.07
CA TYR B 172 -8.08 -30.15 -7.17
C TYR B 172 -8.72 -30.33 -8.54
N CYS B 173 -10.04 -30.55 -8.56
CA CYS B 173 -10.78 -30.84 -9.79
C CYS B 173 -10.14 -31.96 -10.61
N GLU B 174 -9.66 -32.97 -9.91
CA GLU B 174 -8.85 -34.04 -10.47
C GLU B 174 -9.70 -35.26 -10.86
N CYS B 175 -10.96 -35.27 -10.43
CA CYS B 175 -11.90 -36.36 -10.69
C CYS B 175 -13.02 -35.95 -11.63
N ASP B 176 -13.67 -36.95 -12.23
CA ASP B 176 -14.97 -36.77 -12.86
C ASP B 176 -15.78 -38.09 -12.87
N THR B 177 -17.02 -38.01 -13.34
CA THR B 177 -17.97 -39.11 -13.25
C THR B 177 -18.25 -39.80 -14.60
N ILE B 178 -17.30 -39.74 -15.53
CA ILE B 178 -17.45 -40.44 -16.82
C ILE B 178 -16.22 -41.20 -17.34
N ASN B 179 -15.01 -40.94 -16.82
CA ASN B 179 -13.80 -41.62 -17.31
C ASN B 179 -13.45 -42.92 -16.58
N CYS B 180 -14.35 -43.90 -16.64
CA CYS B 180 -14.08 -45.24 -16.12
C CYS B 180 -14.14 -46.26 -17.24
N GLU B 181 -13.68 -47.47 -16.95
CA GLU B 181 -13.69 -48.54 -17.93
C GLU B 181 -15.11 -48.84 -18.38
N ARG B 182 -15.27 -49.04 -19.69
CA ARG B 182 -16.57 -49.31 -20.28
C ARG B 182 -16.85 -50.80 -20.34
N TYR B 183 -18.13 -51.13 -20.51
CA TYR B 183 -18.61 -52.48 -20.79
C TYR B 183 -19.99 -52.37 -21.46
N ASN B 184 -20.12 -53.03 -22.61
CA ASN B 184 -21.39 -53.05 -23.35
C ASN B 184 -21.88 -51.64 -23.77
N GLY B 185 -20.93 -50.78 -24.14
CA GLY B 185 -21.24 -49.45 -24.62
C GLY B 185 -21.22 -48.36 -23.55
N GLN B 186 -21.70 -48.69 -22.35
CA GLN B 186 -21.87 -47.70 -21.27
C GLN B 186 -20.76 -47.79 -20.23
N VAL B 187 -20.52 -46.67 -19.55
CA VAL B 187 -19.52 -46.58 -18.47
C VAL B 187 -19.93 -47.47 -17.29
N CYS B 188 -19.01 -48.30 -16.82
CA CYS B 188 -19.23 -49.20 -15.69
C CYS B 188 -20.37 -50.20 -15.93
N GLY B 189 -20.66 -50.47 -17.19
CA GLY B 189 -21.74 -51.37 -17.57
C GLY B 189 -23.11 -50.72 -17.54
N GLY B 190 -23.14 -49.39 -17.49
CA GLY B 190 -24.39 -48.65 -17.37
C GLY B 190 -24.91 -48.62 -15.94
N PRO B 191 -25.94 -47.81 -15.70
CA PRO B 191 -26.43 -47.56 -14.33
C PRO B 191 -27.07 -48.77 -13.64
N GLY B 192 -27.44 -49.79 -14.41
CA GLY B 192 -27.92 -51.04 -13.85
C GLY B 192 -26.84 -51.94 -13.27
N ARG B 193 -25.56 -51.61 -13.49
CA ARG B 193 -24.43 -52.43 -13.05
C ARG B 193 -23.47 -51.72 -12.09
N GLY B 194 -23.08 -50.48 -12.42
CA GLY B 194 -22.21 -49.70 -11.55
C GLY B 194 -22.15 -48.21 -11.85
N LEU B 195 -21.38 -47.49 -11.04
CA LEU B 195 -21.27 -46.04 -11.13
C LEU B 195 -19.82 -45.60 -11.22
N CYS B 196 -19.55 -44.63 -12.10
CA CYS B 196 -18.19 -44.14 -12.30
C CYS B 196 -17.80 -43.00 -11.35
N PHE B 197 -16.74 -43.23 -10.57
CA PHE B 197 -16.20 -42.23 -9.65
C PHE B 197 -14.68 -42.19 -9.76
N CYS B 198 -14.14 -41.05 -10.18
CA CYS B 198 -12.69 -40.83 -10.28
C CYS B 198 -11.91 -42.02 -10.85
N GLY B 199 -12.41 -42.56 -11.95
CA GLY B 199 -11.72 -43.63 -12.66
C GLY B 199 -11.91 -45.02 -12.10
N LYS B 200 -12.64 -45.16 -11.00
CA LYS B 200 -12.95 -46.49 -10.45
C LYS B 200 -14.46 -46.74 -10.38
N CYS B 201 -14.84 -47.88 -10.91
CA CYS B 201 -16.21 -48.26 -11.01
C CYS B 201 -16.68 -48.79 -9.69
N ARG B 202 -17.79 -48.28 -9.22
CA ARG B 202 -18.31 -48.78 -7.98
C ARG B 202 -19.55 -49.59 -8.20
N CYS B 203 -19.38 -50.89 -8.20
CA CYS B 203 -20.38 -51.81 -8.72
C CYS B 203 -21.47 -52.03 -7.70
N HIS B 204 -22.70 -52.08 -8.19
CA HIS B 204 -23.86 -52.40 -7.37
C HIS B 204 -23.74 -53.82 -6.86
N PRO B 205 -24.27 -54.10 -5.67
CA PRO B 205 -24.34 -55.47 -5.16
C PRO B 205 -24.83 -56.43 -6.23
N GLY B 206 -24.04 -57.45 -6.55
CA GLY B 206 -24.35 -58.40 -7.60
C GLY B 206 -23.30 -58.45 -8.70
N PHE B 207 -22.55 -57.36 -8.90
CA PHE B 207 -21.62 -57.26 -10.03
C PHE B 207 -20.18 -57.00 -9.59
N GLU B 208 -19.24 -57.41 -10.44
CA GLU B 208 -17.82 -57.41 -10.11
C GLU B 208 -16.98 -57.15 -11.34
N GLY B 209 -15.71 -56.84 -11.11
CA GLY B 209 -14.78 -56.53 -12.18
C GLY B 209 -14.55 -55.05 -12.31
N SER B 210 -13.54 -54.70 -13.09
CA SER B 210 -13.10 -53.32 -13.23
C SER B 210 -14.17 -52.40 -13.85
N ALA B 211 -15.01 -52.97 -14.71
CA ALA B 211 -16.11 -52.26 -15.36
C ALA B 211 -17.48 -52.93 -15.10
N CYS B 212 -17.58 -53.65 -13.97
CA CYS B 212 -18.81 -54.33 -13.57
C CYS B 212 -19.36 -55.29 -14.65
N GLN B 213 -18.45 -56.02 -15.29
CA GLN B 213 -18.78 -56.91 -16.42
C GLN B 213 -19.36 -58.26 -16.02
N HIS B 214 -19.17 -58.65 -14.75
CA HIS B 214 -19.45 -60.01 -14.29
C HIS B 214 -20.48 -60.07 -13.16
N HIS B 215 -20.99 -61.27 -12.90
CA HIS B 215 -21.84 -61.56 -11.73
C HIS B 215 -21.02 -62.30 -10.66
N HIS B 216 -21.48 -62.21 -9.41
CA HIS B 216 -20.84 -62.90 -8.27
C HIS B 216 -20.75 -64.40 -8.48
N HIS B 217 -19.53 -64.94 -8.43
CA HIS B 217 -19.31 -66.39 -8.56
C HIS B 217 -18.24 -66.86 -7.56
#